data_1C4C
#
_entry.id   1C4C
#
_cell.length_a   133.500
_cell.length_b   83.800
_cell.length_c   55.600
_cell.angle_alpha   90.00
_cell.angle_beta   90.00
_cell.angle_gamma   90.00
#
_symmetry.space_group_name_H-M   'P 21 21 2'
#
loop_
_entity.id
_entity.type
_entity.pdbx_description
1 polymer 'PROTEIN (FE-ONLY HYDROGENASE)'
2 non-polymer '2 IRON/2 SULFUR/6 CARBONYL/1 WATER INORGANIC CLUSTER'
3 non-polymer 'IRON/SULFUR CLUSTER'
4 non-polymer 'FE2/S2 (INORGANIC) CLUSTER'
5 water water
#
_entity_poly.entity_id   1
_entity_poly.type   'polypeptide(L)'
_entity_poly.pdbx_seq_one_letter_code
;MKTIIINGVQFNTDEDTTILKFARDNNIDISALCFLNNCNNDINKCEICTVEVEGTGLVTACDTLIEDGMIINTNSDAVN
EKIKSRISQLLDIHEFKCGPCNRRENCEFLKLVIKYKARASKPFLPKDKTEYVDERSKSLTVDRTKCLLCGRCVNACGKN
TETYAMKFLNKNGKTIIGAEDEKCFDDTNCLLCGQCIIACPVAALSEKSHMDRVKNALNAPEKHVIVAMAPSVRASIGEL
FNMGFGVDVTGKIYTALRQLGFDKIFDINFGADMTIMEEATELVQRIENNGPFPMFTSCCPGWVRQAENYYPELLNNLSS
AKSPQQIFGTASKTYYPSISGLDPKNVFTVTVMPCTSKKFEADRPQMEKDGLRDIDAVITTRELAKMIKDAKIPFAKLED
SEADPAMGEYSGAGAIFGATGGVMEAALRSAKDFAENAELEDIEYKQVRGLNGIKEAEVEINNNKYNVAVINGASNLFKF
MKSGMINEKQYHFIEVMACHGGCVNGGGQPHVNPKDLEKVDIKKVRASVLYNQDEHLSKRKSHENTALVKMYQNYFGKPG
EGRAHEILHFKYKK
;
_entity_poly.pdbx_strand_id   A
#
# COMPACT_ATOMS: atom_id res chain seq x y z
N MET A 1 11.55 -6.88 41.32
CA MET A 1 10.68 -7.13 40.19
C MET A 1 9.21 -6.94 40.54
N LYS A 2 8.35 -6.84 39.53
CA LYS A 2 6.92 -6.84 39.74
C LYS A 2 6.45 -8.28 39.70
N THR A 3 5.37 -8.64 40.41
CA THR A 3 4.88 -10.01 40.36
C THR A 3 3.35 -10.08 40.33
N ILE A 4 2.90 -10.62 39.20
CA ILE A 4 1.47 -10.76 38.90
C ILE A 4 1.01 -12.19 38.61
N ILE A 5 -0.18 -12.48 39.11
CA ILE A 5 -0.81 -13.76 38.83
C ILE A 5 -2.13 -13.54 38.09
N ILE A 6 -2.00 -13.80 36.79
CA ILE A 6 -3.15 -13.68 35.91
C ILE A 6 -3.69 -15.10 35.80
N ASN A 7 -4.93 -15.22 36.29
CA ASN A 7 -5.69 -16.47 36.33
C ASN A 7 -4.97 -17.56 37.13
N GLY A 8 -4.41 -17.13 38.28
CA GLY A 8 -3.70 -18.00 39.20
C GLY A 8 -2.33 -18.48 38.72
N VAL A 9 -1.90 -18.02 37.54
CA VAL A 9 -0.61 -18.41 36.99
C VAL A 9 0.40 -17.33 37.31
N GLN A 10 1.51 -17.84 37.83
CA GLN A 10 2.63 -17.04 38.29
C GLN A 10 3.52 -16.47 37.19
N PHE A 11 3.74 -15.16 37.32
CA PHE A 11 4.61 -14.40 36.43
C PHE A 11 5.30 -13.28 37.22
N ASN A 12 6.62 -13.17 37.06
CA ASN A 12 7.42 -12.10 37.65
C ASN A 12 8.01 -11.35 36.45
N THR A 13 7.99 -10.02 36.46
CA THR A 13 8.49 -9.25 35.33
C THR A 13 9.07 -7.88 35.65
N ASP A 14 10.05 -7.57 34.80
CA ASP A 14 10.70 -6.27 34.78
C ASP A 14 10.47 -5.67 33.39
N GLU A 15 9.17 -5.43 33.22
CA GLU A 15 8.59 -4.83 32.04
C GLU A 15 7.45 -3.99 32.54
N ASP A 16 7.33 -2.78 32.00
CA ASP A 16 6.23 -1.92 32.39
C ASP A 16 5.33 -1.66 31.18
N THR A 17 4.64 -2.74 30.80
CA THR A 17 3.69 -2.72 29.68
C THR A 17 2.25 -2.75 30.18
N THR A 18 1.29 -2.82 29.24
CA THR A 18 -0.11 -2.96 29.62
C THR A 18 -0.42 -4.43 29.87
N ILE A 19 -1.62 -4.71 30.42
CA ILE A 19 -2.03 -6.07 30.69
C ILE A 19 -2.17 -6.83 29.38
N LEU A 20 -2.73 -6.20 28.34
CA LEU A 20 -2.86 -6.82 27.04
C LEU A 20 -1.52 -7.10 26.36
N LYS A 21 -0.55 -6.18 26.40
CA LYS A 21 0.73 -6.41 25.75
C LYS A 21 1.62 -7.38 26.51
N PHE A 22 1.47 -7.49 27.84
CA PHE A 22 2.20 -8.48 28.61
C PHE A 22 1.65 -9.87 28.28
N ALA A 23 0.32 -9.95 28.20
CA ALA A 23 -0.38 -11.19 27.88
C ALA A 23 -0.11 -11.71 26.47
N ARG A 24 0.03 -10.79 25.50
CA ARG A 24 0.34 -11.14 24.11
C ARG A 24 1.67 -11.85 23.94
N ASP A 25 2.66 -11.39 24.72
CA ASP A 25 4.00 -11.95 24.74
C ASP A 25 4.03 -13.32 25.44
N ASN A 26 3.13 -13.51 26.41
CA ASN A 26 3.13 -14.71 27.23
C ASN A 26 2.04 -15.74 26.96
N ASN A 27 1.58 -15.81 25.69
CA ASN A 27 0.60 -16.77 25.14
C ASN A 27 -0.85 -16.66 25.59
N ILE A 28 -1.05 -16.23 26.85
CA ILE A 28 -2.35 -15.97 27.44
C ILE A 28 -3.05 -14.85 26.67
N ASP A 29 -3.98 -15.23 25.80
CA ASP A 29 -4.65 -14.23 24.98
C ASP A 29 -5.87 -13.61 25.64
N ILE A 30 -5.87 -12.29 25.46
CA ILE A 30 -6.99 -11.44 25.84
C ILE A 30 -7.46 -10.89 24.51
N SER A 31 -8.78 -10.84 24.33
CA SER A 31 -9.35 -10.31 23.10
C SER A 31 -9.34 -8.78 23.11
N ALA A 32 -9.18 -8.18 21.93
CA ALA A 32 -9.12 -6.74 21.76
C ALA A 32 -9.82 -6.34 20.46
N LEU A 33 -10.24 -5.08 20.29
CA LEU A 33 -10.83 -4.68 19.02
C LEU A 33 -10.44 -3.27 18.62
N CYS A 34 -10.75 -2.22 19.40
CA CYS A 34 -10.35 -0.87 19.01
C CYS A 34 -8.86 -0.55 19.20
N PHE A 35 -8.08 -1.43 19.84
CA PHE A 35 -6.65 -1.21 20.03
C PHE A 35 -5.84 -1.67 18.80
N LEU A 36 -5.08 -0.69 18.30
CA LEU A 36 -4.19 -0.88 17.18
C LEU A 36 -3.33 0.38 17.08
N ASN A 37 -2.10 0.25 16.55
CA ASN A 37 -1.19 1.38 16.32
C ASN A 37 -0.94 2.16 17.60
N ASN A 38 -0.69 1.33 18.62
CA ASN A 38 -0.45 1.70 20.01
C ASN A 38 -1.44 2.70 20.61
N CYS A 39 -2.69 2.56 20.16
CA CYS A 39 -3.74 3.46 20.59
C CYS A 39 -5.11 2.80 20.51
N ASN A 40 -6.02 3.22 21.39
CA ASN A 40 -7.38 2.71 21.34
C ASN A 40 -8.34 3.83 20.96
N ASN A 41 -9.65 3.60 21.13
CA ASN A 41 -10.60 4.67 20.89
C ASN A 41 -10.76 5.33 22.25
N ASP A 42 -10.11 6.50 22.37
CA ASP A 42 -10.09 7.26 23.62
C ASP A 42 -11.47 7.76 24.01
N ILE A 43 -12.22 8.17 22.99
CA ILE A 43 -13.60 8.60 23.12
C ILE A 43 -14.41 7.35 22.79
N ASN A 44 -15.13 6.89 23.80
CA ASN A 44 -15.86 5.63 23.83
C ASN A 44 -15.23 4.39 23.21
N LYS A 45 -14.51 3.80 24.18
CA LYS A 45 -13.78 2.55 24.05
C LYS A 45 -14.71 1.39 23.80
N CYS A 46 -14.19 0.33 23.17
CA CYS A 46 -15.00 -0.83 22.84
C CYS A 46 -15.16 -1.83 23.98
N GLU A 47 -14.20 -1.80 24.92
CA GLU A 47 -14.15 -2.66 26.10
C GLU A 47 -14.12 -4.16 25.84
N ILE A 48 -13.57 -4.61 24.71
CA ILE A 48 -13.47 -6.04 24.42
C ILE A 48 -12.29 -6.64 25.19
N CYS A 49 -11.34 -5.77 25.52
CA CYS A 49 -10.16 -6.15 26.29
C CYS A 49 -10.41 -6.14 27.79
N THR A 50 -11.68 -6.15 28.24
CA THR A 50 -12.01 -6.16 29.66
C THR A 50 -11.48 -7.40 30.37
N VAL A 51 -10.90 -7.03 31.51
CA VAL A 51 -10.36 -7.94 32.52
C VAL A 51 -10.75 -7.40 33.89
N GLU A 52 -10.70 -8.20 34.96
CA GLU A 52 -10.95 -7.64 36.28
C GLU A 52 -9.78 -7.92 37.20
N VAL A 53 -9.34 -6.87 37.88
CA VAL A 53 -8.26 -6.97 38.85
C VAL A 53 -8.78 -6.59 40.23
N GLU A 54 -8.72 -7.63 41.08
CA GLU A 54 -9.19 -7.61 42.46
C GLU A 54 -8.78 -6.38 43.27
N GLY A 55 -9.84 -5.77 43.82
CA GLY A 55 -9.72 -4.54 44.55
C GLY A 55 -10.40 -3.41 43.80
N THR A 56 -10.08 -3.29 42.51
CA THR A 56 -10.61 -2.25 41.62
C THR A 56 -11.78 -2.70 40.74
N GLY A 57 -11.71 -3.93 40.22
CA GLY A 57 -12.74 -4.49 39.34
C GLY A 57 -12.37 -4.45 37.85
N LEU A 58 -13.42 -4.32 37.03
CA LEU A 58 -13.31 -4.31 35.57
C LEU A 58 -12.60 -3.11 34.96
N VAL A 59 -11.43 -3.38 34.37
CA VAL A 59 -10.65 -2.36 33.66
C VAL A 59 -10.37 -2.80 32.20
N THR A 60 -10.00 -1.86 31.32
CA THR A 60 -9.65 -2.20 29.95
C THR A 60 -8.16 -2.49 29.88
N ALA A 61 -7.85 -3.76 29.56
CA ALA A 61 -6.48 -4.26 29.47
C ALA A 61 -5.53 -3.58 28.48
N CYS A 62 -6.04 -3.05 27.37
CA CYS A 62 -5.20 -2.43 26.35
C CYS A 62 -4.53 -1.14 26.80
N ASP A 63 -5.00 -0.54 27.91
CA ASP A 63 -4.38 0.65 28.46
C ASP A 63 -4.29 0.71 29.99
N THR A 64 -4.45 -0.43 30.67
CA THR A 64 -4.25 -0.49 32.10
C THR A 64 -2.89 -1.15 32.32
N LEU A 65 -1.95 -0.38 32.90
CA LEU A 65 -0.61 -0.89 33.17
C LEU A 65 -0.53 -1.82 34.38
N ILE A 66 0.33 -2.84 34.22
CA ILE A 66 0.56 -3.83 35.28
C ILE A 66 1.23 -3.24 36.50
N GLU A 67 0.67 -3.70 37.63
CA GLU A 67 1.12 -3.30 38.96
C GLU A 67 1.65 -4.55 39.66
N ASP A 68 2.64 -4.38 40.54
CA ASP A 68 3.28 -5.45 41.30
C ASP A 68 2.41 -6.32 42.21
N GLY A 69 1.19 -5.92 42.58
CA GLY A 69 0.34 -6.76 43.42
C GLY A 69 -0.92 -7.30 42.75
N MET A 70 -0.98 -7.25 41.41
CA MET A 70 -2.18 -7.66 40.70
C MET A 70 -2.49 -9.14 40.57
N ILE A 71 -3.80 -9.33 40.56
CA ILE A 71 -4.44 -10.62 40.33
C ILE A 71 -5.48 -10.25 39.28
N ILE A 72 -5.34 -10.82 38.07
CA ILE A 72 -6.20 -10.45 36.96
C ILE A 72 -7.05 -11.65 36.51
N ASN A 73 -8.24 -11.32 36.02
CA ASN A 73 -9.22 -12.30 35.54
C ASN A 73 -9.63 -12.09 34.09
N THR A 74 -9.54 -13.16 33.28
CA THR A 74 -9.86 -13.09 31.86
C THR A 74 -11.11 -13.92 31.51
N ASN A 75 -11.05 -15.25 31.72
CA ASN A 75 -12.19 -16.14 31.40
C ASN A 75 -13.43 -15.88 32.22
N SER A 76 -13.16 -15.46 33.47
CA SER A 76 -14.10 -15.09 34.53
C SER A 76 -15.59 -15.36 34.29
N ASP A 77 -16.45 -14.35 34.30
CA ASP A 77 -17.88 -14.49 34.12
C ASP A 77 -18.38 -13.07 34.04
N ALA A 78 -18.09 -12.24 35.05
CA ALA A 78 -18.44 -10.82 35.03
C ALA A 78 -17.67 -10.03 33.99
N VAL A 79 -16.50 -10.58 33.62
CA VAL A 79 -15.66 -10.07 32.57
C VAL A 79 -16.24 -10.52 31.23
N ASN A 80 -16.46 -11.83 31.15
CA ASN A 80 -16.97 -12.49 29.97
C ASN A 80 -18.33 -12.01 29.48
N GLU A 81 -19.20 -11.59 30.42
CA GLU A 81 -20.51 -11.09 30.06
C GLU A 81 -20.46 -9.62 29.71
N LYS A 82 -19.51 -8.86 30.28
CA LYS A 82 -19.33 -7.46 29.92
C LYS A 82 -18.84 -7.35 28.49
N ILE A 83 -18.01 -8.31 28.06
CA ILE A 83 -17.48 -8.34 26.70
C ILE A 83 -18.51 -8.86 25.71
N LYS A 84 -19.21 -9.96 26.00
CA LYS A 84 -20.20 -10.54 25.08
C LYS A 84 -21.36 -9.60 24.82
N SER A 85 -21.72 -8.81 25.85
CA SER A 85 -22.73 -7.75 25.76
C SER A 85 -22.32 -6.72 24.72
N ARG A 86 -21.04 -6.33 24.78
CA ARG A 86 -20.48 -5.33 23.87
C ARG A 86 -20.48 -5.79 22.42
N ILE A 87 -20.18 -7.08 22.18
CA ILE A 87 -20.16 -7.66 20.83
C ILE A 87 -21.56 -7.69 20.25
N SER A 88 -22.53 -8.14 21.07
CA SER A 88 -23.93 -8.21 20.67
C SER A 88 -24.54 -6.83 20.39
N GLN A 89 -24.07 -5.81 21.10
CA GLN A 89 -24.47 -4.43 20.86
C GLN A 89 -23.95 -3.89 19.55
N LEU A 90 -22.83 -4.46 19.08
CA LEU A 90 -22.25 -4.09 17.81
C LEU A 90 -22.95 -4.81 16.67
N LEU A 91 -23.47 -6.02 16.94
CA LEU A 91 -24.29 -6.75 15.98
C LEU A 91 -25.64 -6.08 15.76
N ASP A 92 -26.08 -5.23 16.71
CA ASP A 92 -27.28 -4.44 16.54
C ASP A 92 -27.11 -3.32 15.51
N ILE A 93 -25.85 -2.92 15.25
CA ILE A 93 -25.54 -1.93 14.23
C ILE A 93 -24.70 -2.54 13.09
N HIS A 94 -24.75 -3.88 12.97
CA HIS A 94 -23.98 -4.60 11.97
C HIS A 94 -24.84 -5.50 11.11
N GLU A 95 -24.64 -5.44 9.79
CA GLU A 95 -25.35 -6.29 8.87
C GLU A 95 -24.51 -7.56 8.71
N PHE A 96 -24.97 -8.58 9.42
CA PHE A 96 -24.26 -9.85 9.50
C PHE A 96 -24.47 -10.82 8.33
N LYS A 97 -23.94 -10.44 7.18
CA LYS A 97 -24.07 -11.23 5.97
C LYS A 97 -22.70 -11.71 5.48
N CYS A 98 -22.07 -12.60 6.25
CA CYS A 98 -20.74 -13.11 5.93
C CYS A 98 -20.86 -14.01 4.71
N GLY A 99 -20.13 -13.74 3.62
CA GLY A 99 -20.36 -14.44 2.36
C GLY A 99 -21.73 -13.99 1.88
N PRO A 100 -21.92 -12.96 1.05
CA PRO A 100 -20.99 -12.45 0.06
C PRO A 100 -19.94 -11.40 0.44
N CYS A 101 -19.66 -11.24 1.74
CA CYS A 101 -18.74 -10.25 2.26
C CYS A 101 -17.27 -10.46 1.91
N ASN A 102 -16.58 -9.39 1.51
CA ASN A 102 -15.19 -9.47 1.11
C ASN A 102 -14.20 -9.68 2.25
N ARG A 103 -14.68 -9.68 3.50
CA ARG A 103 -13.82 -9.93 4.64
C ARG A 103 -14.09 -11.27 5.33
N ARG A 104 -15.02 -12.08 4.80
CA ARG A 104 -15.37 -13.39 5.32
C ARG A 104 -14.23 -14.31 5.76
N GLU A 105 -13.25 -14.65 4.90
CA GLU A 105 -12.20 -15.56 5.29
C GLU A 105 -11.03 -14.99 6.12
N ASN A 106 -11.07 -13.69 6.48
CA ASN A 106 -10.12 -13.10 7.41
C ASN A 106 -10.73 -11.91 8.16
N CYS A 107 -11.97 -12.06 8.66
CA CYS A 107 -12.67 -10.94 9.29
C CYS A 107 -12.15 -10.37 10.60
N GLU A 108 -12.23 -10.98 11.81
CA GLU A 108 -11.81 -10.41 13.11
C GLU A 108 -12.93 -9.52 13.68
N PHE A 109 -14.09 -10.17 13.79
CA PHE A 109 -15.33 -9.65 14.36
C PHE A 109 -16.31 -10.82 14.22
N LEU A 110 -16.14 -11.57 13.14
CA LEU A 110 -16.83 -12.84 12.96
C LEU A 110 -16.16 -13.81 13.94
N LYS A 111 -14.82 -13.65 14.01
CA LYS A 111 -13.98 -14.36 14.94
C LYS A 111 -14.36 -14.10 16.39
N LEU A 112 -14.73 -12.85 16.72
CA LEU A 112 -15.18 -12.48 18.07
C LEU A 112 -16.64 -12.79 18.33
N VAL A 113 -17.39 -13.13 17.27
CA VAL A 113 -18.77 -13.52 17.39
C VAL A 113 -18.81 -15.01 17.75
N ILE A 114 -18.05 -15.87 17.07
CA ILE A 114 -18.06 -17.31 17.38
C ILE A 114 -17.22 -17.70 18.59
N LYS A 115 -16.27 -16.86 19.03
CA LYS A 115 -15.47 -17.14 20.21
C LYS A 115 -16.32 -16.88 21.45
N TYR A 116 -16.96 -15.71 21.49
CA TYR A 116 -17.80 -15.39 22.63
C TYR A 116 -19.23 -15.83 22.47
N LYS A 117 -19.61 -16.44 21.32
CA LYS A 117 -20.96 -16.90 21.04
C LYS A 117 -22.08 -15.90 21.36
N ALA A 118 -21.90 -14.77 20.67
CA ALA A 118 -22.77 -13.62 20.79
C ALA A 118 -23.77 -13.55 19.64
N ARG A 119 -24.94 -13.04 20.03
CA ARG A 119 -26.09 -12.90 19.13
C ARG A 119 -26.67 -11.53 19.37
N ALA A 120 -27.16 -10.88 18.30
CA ALA A 120 -27.66 -9.52 18.35
C ALA A 120 -28.67 -9.09 19.44
N SER A 121 -29.96 -9.06 19.14
CA SER A 121 -31.11 -8.63 19.96
C SER A 121 -32.16 -8.53 18.85
N LYS A 122 -31.80 -7.69 17.86
CA LYS A 122 -32.54 -7.45 16.64
C LYS A 122 -31.49 -7.33 15.53
N PRO A 123 -31.30 -8.36 14.67
CA PRO A 123 -30.17 -8.52 13.74
C PRO A 123 -29.65 -7.43 12.79
N PHE A 124 -30.38 -6.31 12.64
CA PHE A 124 -30.05 -5.17 11.77
C PHE A 124 -29.97 -5.50 10.28
N LEU A 125 -31.15 -5.30 9.69
CA LEU A 125 -31.35 -5.51 8.27
C LEU A 125 -31.97 -4.24 7.68
N PRO A 126 -31.19 -3.20 7.34
CA PRO A 126 -31.70 -2.01 6.65
C PRO A 126 -32.23 -2.42 5.28
N LYS A 127 -33.44 -1.92 4.98
CA LYS A 127 -34.08 -2.24 3.71
C LYS A 127 -33.46 -1.45 2.56
N ASP A 128 -32.91 -0.27 2.86
CA ASP A 128 -32.16 0.50 1.87
C ASP A 128 -30.80 0.90 2.45
N LYS A 129 -29.74 0.38 1.82
CA LYS A 129 -28.38 0.66 2.25
C LYS A 129 -27.75 1.92 1.68
N THR A 130 -28.47 2.72 0.89
CA THR A 130 -27.91 3.89 0.21
C THR A 130 -27.18 4.88 1.09
N GLU A 131 -27.84 5.26 2.19
CA GLU A 131 -27.37 6.25 3.14
C GLU A 131 -26.08 5.87 3.85
N TYR A 132 -25.88 4.55 3.98
CA TYR A 132 -24.70 3.97 4.62
C TYR A 132 -23.50 3.82 3.67
N VAL A 133 -23.82 3.78 2.37
CA VAL A 133 -22.84 3.54 1.33
C VAL A 133 -22.36 4.80 0.61
N ASP A 134 -21.03 4.89 0.48
CA ASP A 134 -20.41 5.96 -0.28
C ASP A 134 -19.43 5.32 -1.25
N GLU A 135 -19.69 5.52 -2.55
CA GLU A 135 -18.85 4.98 -3.62
C GLU A 135 -18.45 5.99 -4.67
N ARG A 136 -18.52 7.26 -4.29
CA ARG A 136 -18.18 8.36 -5.16
C ARG A 136 -16.69 8.44 -5.49
N SER A 137 -15.86 7.90 -4.59
CA SER A 137 -14.41 7.91 -4.76
C SER A 137 -13.88 6.91 -5.75
N LYS A 138 -12.80 7.31 -6.43
CA LYS A 138 -12.10 6.47 -7.38
C LYS A 138 -11.19 5.45 -6.72
N SER A 139 -10.93 5.62 -5.41
CA SER A 139 -10.04 4.75 -4.65
C SER A 139 -10.65 4.06 -3.44
N LEU A 140 -11.50 4.73 -2.66
CA LEU A 140 -12.07 4.17 -1.43
C LEU A 140 -13.58 4.05 -1.48
N THR A 141 -14.13 3.03 -0.81
CA THR A 141 -15.58 2.89 -0.65
C THR A 141 -15.87 2.60 0.81
N VAL A 142 -17.01 3.14 1.27
CA VAL A 142 -17.49 2.96 2.62
C VAL A 142 -18.84 2.24 2.57
N ASP A 143 -19.05 1.32 3.53
CA ASP A 143 -20.32 0.66 3.77
C ASP A 143 -20.44 0.68 5.29
N ARG A 144 -21.20 1.66 5.80
CA ARG A 144 -21.33 1.83 7.23
C ARG A 144 -22.28 0.87 7.94
N THR A 145 -22.88 -0.10 7.24
CA THR A 145 -23.65 -1.16 7.89
C THR A 145 -22.66 -2.17 8.48
N LYS A 146 -21.39 -2.11 8.07
CA LYS A 146 -20.34 -2.96 8.59
C LYS A 146 -19.47 -2.22 9.63
N CYS A 147 -19.66 -0.91 9.81
CA CYS A 147 -18.83 -0.13 10.70
C CYS A 147 -19.12 -0.29 12.18
N LEU A 148 -18.04 -0.61 12.89
CA LEU A 148 -18.10 -0.81 14.33
C LEU A 148 -17.82 0.47 15.11
N LEU A 149 -17.37 1.55 14.44
CA LEU A 149 -16.99 2.82 15.06
C LEU A 149 -15.90 2.66 16.13
N CYS A 150 -14.91 1.86 15.73
CA CYS A 150 -13.79 1.52 16.59
C CYS A 150 -12.66 2.54 16.59
N GLY A 151 -12.70 3.51 15.66
CA GLY A 151 -11.73 4.60 15.54
C GLY A 151 -10.36 4.22 14.98
N ARG A 152 -10.22 2.99 14.49
CA ARG A 152 -8.94 2.52 13.98
C ARG A 152 -8.46 3.18 12.69
N CYS A 153 -9.40 3.52 11.81
CA CYS A 153 -9.09 4.20 10.56
C CYS A 153 -8.70 5.68 10.76
N VAL A 154 -9.31 6.29 11.77
CA VAL A 154 -9.05 7.67 12.16
C VAL A 154 -7.64 7.76 12.77
N ASN A 155 -7.30 6.85 13.70
CA ASN A 155 -5.98 6.84 14.33
C ASN A 155 -4.88 6.44 13.35
N ALA A 156 -5.13 5.45 12.48
CA ALA A 156 -4.18 5.04 11.45
C ALA A 156 -3.91 6.17 10.46
N CYS A 157 -4.92 6.93 10.04
CA CYS A 157 -4.71 8.07 9.16
C CYS A 157 -3.91 9.18 9.86
N GLY A 158 -4.14 9.43 11.15
CA GLY A 158 -3.38 10.41 11.90
C GLY A 158 -1.93 10.00 12.12
N LYS A 159 -1.64 8.74 12.50
CA LYS A 159 -0.27 8.28 12.68
C LYS A 159 0.46 8.23 11.35
N ASN A 160 -0.06 7.46 10.39
CA ASN A 160 0.56 7.26 9.10
C ASN A 160 0.70 8.47 8.18
N THR A 161 -0.27 9.39 8.14
CA THR A 161 -0.18 10.53 7.22
C THR A 161 -0.18 11.92 7.87
N GLU A 162 -0.76 12.03 9.08
CA GLU A 162 -1.01 13.26 9.84
C GLU A 162 -1.92 14.26 9.12
N THR A 163 -2.66 13.81 8.10
CA THR A 163 -3.59 14.67 7.39
C THR A 163 -4.91 14.79 8.13
N TYR A 164 -5.18 13.78 8.98
CA TYR A 164 -6.45 13.60 9.67
C TYR A 164 -7.63 13.73 8.73
N ALA A 165 -7.46 13.18 7.52
CA ALA A 165 -8.50 13.21 6.49
C ALA A 165 -9.66 12.26 6.76
N MET A 166 -9.44 11.22 7.59
CA MET A 166 -10.51 10.34 8.04
C MET A 166 -10.87 10.88 9.42
N LYS A 167 -12.08 11.42 9.46
CA LYS A 167 -12.63 12.06 10.63
C LYS A 167 -13.87 11.38 11.19
N PHE A 168 -14.11 11.67 12.47
CA PHE A 168 -15.33 11.31 13.15
C PHE A 168 -16.26 12.46 12.87
N LEU A 169 -17.44 12.16 12.36
CA LEU A 169 -18.43 13.17 11.98
C LEU A 169 -19.75 13.02 12.74
N ASN A 170 -20.50 14.13 12.79
CA ASN A 170 -21.82 14.13 13.37
C ASN A 170 -22.83 14.29 12.24
N LYS A 171 -23.46 13.17 11.86
CA LYS A 171 -24.50 13.15 10.85
C LYS A 171 -25.84 12.97 11.58
N ASN A 172 -26.59 14.08 11.50
CA ASN A 172 -27.89 14.29 12.15
C ASN A 172 -27.62 14.19 13.65
N GLY A 173 -27.84 13.05 14.31
CA GLY A 173 -27.47 12.93 15.71
C GLY A 173 -26.36 11.92 15.86
N LYS A 174 -26.26 11.03 14.85
CA LYS A 174 -25.30 9.94 14.82
C LYS A 174 -23.86 10.30 14.52
N THR A 175 -22.97 9.44 15.03
CA THR A 175 -21.56 9.55 14.75
C THR A 175 -21.22 8.52 13.68
N ILE A 176 -20.65 9.01 12.59
CA ILE A 176 -20.19 8.17 11.49
C ILE A 176 -18.73 8.50 11.20
N ILE A 177 -18.01 7.71 10.39
CA ILE A 177 -16.70 8.18 9.96
C ILE A 177 -16.81 8.53 8.47
N GLY A 178 -15.90 9.37 8.00
CA GLY A 178 -15.89 9.76 6.61
C GLY A 178 -14.89 10.88 6.39
N ALA A 179 -15.03 11.53 5.25
CA ALA A 179 -14.15 12.63 4.91
C ALA A 179 -14.65 13.94 5.47
N GLU A 180 -13.82 14.98 5.27
CA GLU A 180 -14.09 16.35 5.64
C GLU A 180 -15.44 16.76 5.07
N ASP A 181 -16.35 17.16 5.97
CA ASP A 181 -17.71 17.60 5.66
C ASP A 181 -18.55 16.58 4.91
N GLU A 182 -18.28 15.30 5.23
CA GLU A 182 -18.88 14.12 4.60
C GLU A 182 -18.81 14.15 3.07
N LYS A 183 -17.76 14.80 2.59
CA LYS A 183 -17.51 14.90 1.17
C LYS A 183 -16.90 13.61 0.68
N CYS A 184 -16.80 13.54 -0.66
CA CYS A 184 -16.09 12.46 -1.30
C CYS A 184 -14.62 12.69 -0.97
N PHE A 185 -13.92 11.61 -0.58
CA PHE A 185 -12.52 11.64 -0.22
C PHE A 185 -11.58 12.30 -1.22
N ASP A 186 -11.91 12.18 -2.51
CA ASP A 186 -11.16 12.73 -3.61
C ASP A 186 -11.20 14.26 -3.59
N ASP A 187 -12.30 14.85 -3.11
CA ASP A 187 -12.45 16.29 -3.05
C ASP A 187 -11.89 16.93 -1.77
N THR A 188 -11.21 16.12 -0.94
CA THR A 188 -10.61 16.56 0.30
C THR A 188 -9.09 16.37 0.25
N ASN A 189 -8.37 16.74 1.32
CA ASN A 189 -6.92 16.61 1.41
C ASN A 189 -6.36 15.18 1.50
N CYS A 190 -7.29 14.21 1.56
CA CYS A 190 -7.01 12.79 1.58
C CYS A 190 -6.07 12.38 0.46
N LEU A 191 -5.16 11.47 0.80
CA LEU A 191 -4.14 11.01 -0.13
C LEU A 191 -4.51 9.76 -0.91
N LEU A 192 -5.67 9.19 -0.54
CA LEU A 192 -6.26 7.98 -1.10
C LEU A 192 -5.35 6.76 -1.01
N CYS A 193 -4.44 6.83 -0.02
CA CYS A 193 -3.40 5.85 0.25
C CYS A 193 -3.85 4.48 0.73
N GLY A 194 -5.05 4.49 1.33
CA GLY A 194 -5.73 3.28 1.80
C GLY A 194 -5.31 2.75 3.16
N GLN A 195 -4.45 3.44 3.92
CA GLN A 195 -4.05 2.94 5.24
C GLN A 195 -5.17 2.78 6.26
N CYS A 196 -6.28 3.49 6.03
CA CYS A 196 -7.48 3.32 6.83
C CYS A 196 -8.17 1.98 6.56
N ILE A 197 -8.10 1.46 5.33
CA ILE A 197 -8.63 0.16 4.95
C ILE A 197 -7.81 -0.89 5.68
N ILE A 198 -6.47 -0.76 5.61
CA ILE A 198 -5.56 -1.70 6.27
C ILE A 198 -5.83 -1.81 7.77
N ALA A 199 -6.19 -0.70 8.43
CA ALA A 199 -6.52 -0.72 9.86
C ALA A 199 -7.94 -1.18 10.18
N CYS A 200 -8.86 -1.22 9.21
CA CYS A 200 -10.23 -1.62 9.47
C CYS A 200 -10.35 -3.13 9.74
N PRO A 201 -10.98 -3.56 10.85
CA PRO A 201 -11.18 -4.97 11.19
C PRO A 201 -12.26 -5.68 10.41
N VAL A 202 -13.17 -4.93 9.80
CA VAL A 202 -14.32 -5.46 9.09
C VAL A 202 -14.36 -5.00 7.63
N ALA A 203 -15.51 -5.20 6.94
CA ALA A 203 -15.66 -4.80 5.55
C ALA A 203 -16.25 -3.39 5.38
N ALA A 204 -16.15 -2.56 6.42
CA ALA A 204 -16.63 -1.19 6.38
C ALA A 204 -15.89 -0.32 5.38
N LEU A 205 -14.58 -0.52 5.23
CA LEU A 205 -13.77 0.22 4.28
C LEU A 205 -13.13 -0.71 3.27
N SER A 206 -13.27 -0.37 1.99
CA SER A 206 -12.71 -1.20 0.93
C SER A 206 -12.21 -0.35 -0.20
N GLU A 207 -11.49 -1.02 -1.10
CA GLU A 207 -10.97 -0.40 -2.31
C GLU A 207 -12.14 -0.26 -3.29
N LYS A 208 -12.08 0.75 -4.17
CA LYS A 208 -13.08 0.91 -5.20
C LYS A 208 -12.78 -0.18 -6.22
N SER A 209 -13.73 -1.09 -6.40
CA SER A 209 -13.58 -2.23 -7.31
C SER A 209 -13.41 -1.89 -8.79
N HIS A 210 -12.43 -2.55 -9.44
CA HIS A 210 -12.24 -2.48 -10.89
C HIS A 210 -12.36 -3.90 -11.45
N MET A 211 -13.02 -4.78 -10.69
CA MET A 211 -13.23 -6.17 -11.06
C MET A 211 -14.10 -6.34 -12.29
N ASP A 212 -15.18 -5.56 -12.38
CA ASP A 212 -16.07 -5.63 -13.54
C ASP A 212 -15.44 -5.02 -14.77
N ARG A 213 -14.52 -4.04 -14.65
CA ARG A 213 -13.81 -3.50 -15.81
C ARG A 213 -12.94 -4.60 -16.43
N VAL A 214 -12.22 -5.34 -15.61
CA VAL A 214 -11.37 -6.45 -16.04
C VAL A 214 -12.21 -7.59 -16.62
N LYS A 215 -13.31 -7.94 -15.93
CA LYS A 215 -14.25 -8.98 -16.32
C LYS A 215 -14.80 -8.76 -17.73
N ASN A 216 -15.37 -7.56 -17.95
CA ASN A 216 -15.98 -7.20 -19.21
C ASN A 216 -14.99 -7.17 -20.37
N ALA A 217 -13.73 -6.83 -20.06
CA ALA A 217 -12.67 -6.76 -21.04
C ALA A 217 -12.27 -8.13 -21.50
N LEU A 218 -12.24 -9.08 -20.54
CA LEU A 218 -11.92 -10.48 -20.78
C LEU A 218 -13.02 -11.22 -21.58
N ASN A 219 -14.29 -10.78 -21.50
CA ASN A 219 -15.36 -11.37 -22.27
C ASN A 219 -15.58 -10.68 -23.60
N ALA A 220 -15.03 -9.46 -23.76
CA ALA A 220 -15.16 -8.68 -24.99
C ALA A 220 -14.35 -9.23 -26.16
N PRO A 221 -14.95 -9.59 -27.31
CA PRO A 221 -14.32 -10.36 -28.39
C PRO A 221 -13.10 -9.75 -29.07
N GLU A 222 -13.13 -8.41 -29.17
CA GLU A 222 -12.10 -7.65 -29.86
C GLU A 222 -10.95 -7.13 -29.01
N LYS A 223 -11.12 -7.22 -27.67
CA LYS A 223 -10.11 -6.78 -26.71
C LYS A 223 -8.98 -7.75 -26.41
N HIS A 224 -7.79 -7.15 -26.54
CA HIS A 224 -6.51 -7.77 -26.23
C HIS A 224 -6.15 -7.24 -24.85
N VAL A 225 -6.33 -8.07 -23.82
CA VAL A 225 -6.10 -7.63 -22.44
C VAL A 225 -4.72 -7.95 -21.85
N ILE A 226 -4.00 -6.84 -21.63
CA ILE A 226 -2.67 -6.82 -21.06
C ILE A 226 -2.71 -6.74 -19.54
N VAL A 227 -1.93 -7.55 -18.82
CA VAL A 227 -1.83 -7.42 -17.38
C VAL A 227 -0.38 -7.24 -16.99
N ALA A 228 -0.14 -6.39 -15.99
CA ALA A 228 1.20 -6.16 -15.49
C ALA A 228 1.12 -5.88 -14.00
N MET A 229 1.87 -6.66 -13.23
CA MET A 229 1.87 -6.52 -11.79
C MET A 229 3.01 -5.67 -11.23
N ALA A 230 2.70 -5.00 -10.12
CA ALA A 230 3.63 -4.14 -9.42
C ALA A 230 4.78 -4.91 -8.78
N PRO A 231 5.90 -4.29 -8.41
CA PRO A 231 6.96 -4.95 -7.62
C PRO A 231 6.52 -5.69 -6.36
N SER A 232 5.65 -5.07 -5.57
CA SER A 232 5.24 -5.61 -4.29
C SER A 232 4.29 -6.79 -4.29
N VAL A 233 3.58 -7.04 -5.39
CA VAL A 233 2.59 -8.11 -5.48
C VAL A 233 3.19 -9.50 -5.29
N ARG A 234 4.33 -9.77 -5.93
CA ARG A 234 5.05 -11.05 -5.86
C ARG A 234 5.67 -11.39 -4.51
N ALA A 235 5.75 -10.38 -3.62
CA ALA A 235 6.31 -10.49 -2.29
C ALA A 235 5.26 -10.62 -1.19
N SER A 236 3.99 -10.67 -1.60
CA SER A 236 2.91 -10.62 -0.63
C SER A 236 1.61 -11.34 -0.94
N ILE A 237 1.27 -11.71 -2.17
CA ILE A 237 -0.05 -12.32 -2.40
C ILE A 237 -0.13 -13.76 -1.88
N GLY A 238 1.01 -14.45 -1.79
CA GLY A 238 1.11 -15.80 -1.24
C GLY A 238 0.62 -15.91 0.20
N GLU A 239 0.54 -14.78 0.92
CA GLU A 239 -0.01 -14.71 2.28
C GLU A 239 -1.47 -15.10 2.31
N LEU A 240 -2.18 -14.70 1.25
CA LEU A 240 -3.58 -15.01 1.09
C LEU A 240 -3.83 -16.44 0.61
N PHE A 241 -2.80 -17.22 0.29
CA PHE A 241 -2.96 -18.62 -0.10
C PHE A 241 -2.26 -19.57 0.87
N ASN A 242 -2.21 -19.10 2.13
CA ASN A 242 -1.61 -19.81 3.27
C ASN A 242 -0.21 -20.38 3.06
N MET A 243 0.57 -19.59 2.31
CA MET A 243 1.93 -19.93 1.96
C MET A 243 2.96 -19.29 2.89
N GLY A 244 2.51 -18.39 3.75
CA GLY A 244 3.38 -17.70 4.69
C GLY A 244 3.81 -16.30 4.25
N PHE A 245 4.80 -15.81 5.00
CA PHE A 245 5.33 -14.49 4.79
C PHE A 245 6.70 -14.50 4.14
N GLY A 246 6.94 -13.47 3.33
CA GLY A 246 8.21 -13.32 2.63
C GLY A 246 8.47 -14.41 1.62
N VAL A 247 7.43 -14.82 0.89
CA VAL A 247 7.54 -15.87 -0.09
C VAL A 247 7.47 -15.26 -1.48
N ASP A 248 8.48 -15.58 -2.29
CA ASP A 248 8.52 -15.10 -3.65
C ASP A 248 7.66 -16.01 -4.50
N VAL A 249 6.64 -15.42 -5.13
CA VAL A 249 5.70 -16.16 -5.96
C VAL A 249 5.57 -15.60 -7.38
N THR A 250 6.59 -14.90 -7.89
CA THR A 250 6.58 -14.28 -9.23
C THR A 250 6.11 -15.23 -10.35
N GLY A 251 6.72 -16.42 -10.39
CA GLY A 251 6.42 -17.44 -11.38
C GLY A 251 5.02 -18.02 -11.26
N LYS A 252 4.53 -18.21 -10.05
CA LYS A 252 3.16 -18.68 -9.85
C LYS A 252 2.15 -17.65 -10.33
N ILE A 253 2.41 -16.35 -10.11
CA ILE A 253 1.48 -15.31 -10.51
C ILE A 253 1.37 -15.25 -12.03
N TYR A 254 2.47 -15.30 -12.80
CA TYR A 254 2.39 -15.31 -14.25
C TYR A 254 1.54 -16.45 -14.77
N THR A 255 1.65 -17.65 -14.17
CA THR A 255 0.86 -18.80 -14.55
C THR A 255 -0.61 -18.59 -14.28
N ALA A 256 -0.90 -18.10 -13.07
CA ALA A 256 -2.25 -17.80 -12.64
C ALA A 256 -2.94 -16.82 -13.56
N LEU A 257 -2.19 -15.81 -14.02
CA LEU A 257 -2.69 -14.79 -14.93
C LEU A 257 -2.98 -15.32 -16.32
N ARG A 258 -2.23 -16.34 -16.75
CA ARG A 258 -2.48 -17.03 -18.01
C ARG A 258 -3.77 -17.85 -17.97
N GLN A 259 -4.00 -18.47 -16.79
CA GLN A 259 -5.20 -19.24 -16.51
C GLN A 259 -6.44 -18.39 -16.29
N LEU A 260 -6.30 -17.08 -16.04
CA LEU A 260 -7.43 -16.17 -15.92
C LEU A 260 -7.90 -15.64 -17.29
N GLY A 261 -7.18 -15.93 -18.37
CA GLY A 261 -7.57 -15.49 -19.71
C GLY A 261 -6.89 -14.24 -20.25
N PHE A 262 -5.84 -13.72 -19.59
CA PHE A 262 -5.14 -12.55 -20.11
C PHE A 262 -4.32 -12.95 -21.32
N ASP A 263 -4.34 -12.02 -22.28
CA ASP A 263 -3.64 -12.20 -23.53
C ASP A 263 -2.14 -12.01 -23.43
N LYS A 264 -1.66 -11.00 -22.69
CA LYS A 264 -0.23 -10.82 -22.48
C LYS A 264 0.06 -10.62 -21.01
N ILE A 265 1.11 -11.31 -20.58
CA ILE A 265 1.53 -11.31 -19.18
C ILE A 265 2.82 -10.51 -19.11
N PHE A 266 2.65 -9.22 -18.84
CA PHE A 266 3.77 -8.31 -18.68
C PHE A 266 4.03 -7.97 -17.20
N ASP A 267 4.81 -6.92 -16.91
CA ASP A 267 5.14 -6.57 -15.55
C ASP A 267 5.43 -5.07 -15.42
N ILE A 268 4.98 -4.47 -14.31
CA ILE A 268 5.22 -3.06 -14.05
C ILE A 268 6.70 -2.78 -13.73
N ASN A 269 7.52 -3.78 -13.41
CA ASN A 269 8.96 -3.59 -13.19
C ASN A 269 9.73 -3.18 -14.44
N PHE A 270 9.18 -3.55 -15.61
CA PHE A 270 9.66 -3.09 -16.90
C PHE A 270 9.36 -1.59 -16.97
N GLY A 271 8.17 -1.18 -16.53
CA GLY A 271 7.78 0.22 -16.46
C GLY A 271 8.62 1.00 -15.47
N ALA A 272 9.11 0.32 -14.41
CA ALA A 272 9.97 0.88 -13.38
C ALA A 272 11.36 1.19 -13.92
N ASP A 273 11.87 0.33 -14.82
CA ASP A 273 13.11 0.62 -15.53
C ASP A 273 12.91 1.77 -16.52
N MET A 274 11.72 1.90 -17.14
CA MET A 274 11.39 3.02 -18.00
C MET A 274 11.40 4.37 -17.27
N THR A 275 10.83 4.40 -16.06
CA THR A 275 10.77 5.59 -15.24
C THR A 275 12.16 6.01 -14.85
N ILE A 276 13.04 5.08 -14.48
CA ILE A 276 14.40 5.40 -14.14
C ILE A 276 15.15 5.94 -15.35
N MET A 277 14.81 5.41 -16.53
CA MET A 277 15.40 5.83 -17.79
C MET A 277 15.17 7.31 -18.04
N GLU A 278 13.95 7.79 -17.75
CA GLU A 278 13.59 9.18 -17.92
C GLU A 278 14.06 10.09 -16.78
N GLU A 279 13.81 9.64 -15.55
CA GLU A 279 14.09 10.38 -14.33
C GLU A 279 15.57 10.54 -13.98
N ALA A 280 16.36 9.51 -14.19
CA ALA A 280 17.79 9.59 -13.98
C ALA A 280 18.41 10.51 -15.03
N THR A 281 17.88 10.56 -16.27
CA THR A 281 18.35 11.49 -17.32
C THR A 281 18.00 12.93 -16.94
N GLU A 282 16.79 13.11 -16.40
CA GLU A 282 16.32 14.39 -15.92
C GLU A 282 17.19 14.88 -14.76
N LEU A 283 17.64 13.98 -13.87
CA LEU A 283 18.48 14.36 -12.74
C LEU A 283 19.84 14.84 -13.22
N VAL A 284 20.37 14.18 -14.25
CA VAL A 284 21.65 14.58 -14.85
C VAL A 284 21.50 15.95 -15.50
N GLN A 285 20.36 16.21 -16.17
CA GLN A 285 20.08 17.52 -16.76
C GLN A 285 19.87 18.63 -15.73
N ARG A 286 19.33 18.29 -14.56
CA ARG A 286 19.18 19.27 -13.50
C ARG A 286 20.52 19.54 -12.84
N ILE A 287 21.46 18.59 -12.81
CA ILE A 287 22.78 18.84 -12.27
C ILE A 287 23.55 19.71 -13.27
N GLU A 288 23.30 19.59 -14.60
CA GLU A 288 23.89 20.47 -15.60
C GLU A 288 23.06 21.76 -15.58
N ASN A 289 23.74 22.77 -15.05
CA ASN A 289 23.17 24.06 -14.62
C ASN A 289 22.30 23.85 -13.40
N ASN A 290 22.28 24.85 -12.49
CA ASN A 290 21.76 24.67 -11.16
C ASN A 290 20.33 24.33 -10.75
N GLY A 291 19.81 23.23 -11.32
CA GLY A 291 18.51 22.73 -10.97
C GLY A 291 17.44 22.92 -12.01
N PRO A 292 16.16 23.07 -11.64
CA PRO A 292 15.67 23.30 -10.27
C PRO A 292 15.83 22.19 -9.22
N PHE A 293 16.30 22.58 -8.05
CA PHE A 293 16.53 21.68 -6.94
C PHE A 293 15.59 21.99 -5.78
N PRO A 294 15.08 20.99 -5.07
CA PRO A 294 15.28 19.57 -5.32
C PRO A 294 14.37 18.97 -6.37
N MET A 295 14.86 17.89 -7.00
CA MET A 295 13.97 17.10 -7.83
C MET A 295 13.40 16.06 -6.88
N PHE A 296 12.09 15.98 -6.88
CA PHE A 296 11.36 15.01 -6.08
C PHE A 296 10.86 13.88 -6.97
N THR A 297 10.64 12.67 -6.42
CA THR A 297 10.03 11.58 -7.19
C THR A 297 8.54 11.89 -7.39
N SER A 298 7.90 11.36 -8.43
CA SER A 298 6.50 11.62 -8.68
C SER A 298 5.75 10.34 -9.01
N CYS A 299 6.30 9.22 -8.52
CA CYS A 299 5.75 7.90 -8.78
C CYS A 299 4.73 7.39 -7.77
N CYS A 300 4.63 8.05 -6.62
CA CYS A 300 3.68 7.69 -5.60
C CYS A 300 2.53 8.67 -5.66
N PRO A 301 1.34 8.27 -6.14
CA PRO A 301 0.15 9.12 -6.23
C PRO A 301 -0.34 9.67 -4.90
N GLY A 302 -0.08 8.95 -3.79
CA GLY A 302 -0.41 9.46 -2.45
C GLY A 302 0.41 10.71 -2.15
N TRP A 303 1.70 10.69 -2.51
CA TRP A 303 2.60 11.83 -2.35
C TRP A 303 2.23 12.94 -3.32
N VAL A 304 1.92 12.63 -4.59
CA VAL A 304 1.52 13.66 -5.54
C VAL A 304 0.33 14.42 -4.99
N ARG A 305 -0.69 13.74 -4.44
CA ARG A 305 -1.83 14.43 -3.86
C ARG A 305 -1.43 15.18 -2.61
N GLN A 306 -0.45 14.72 -1.84
CA GLN A 306 0.03 15.46 -0.67
C GLN A 306 0.72 16.76 -1.11
N ALA A 307 1.41 16.74 -2.25
CA ALA A 307 2.03 17.93 -2.82
C ALA A 307 1.07 18.39 -3.90
N GLU A 308 -0.04 19.00 -3.52
CA GLU A 308 -1.09 19.47 -4.42
C GLU A 308 -2.09 20.09 -3.47
N ASN A 309 -2.38 19.30 -2.42
CA ASN A 309 -3.24 19.70 -1.32
C ASN A 309 -2.45 20.45 -0.26
N TYR A 310 -1.14 20.19 -0.08
CA TYR A 310 -0.38 20.82 1.00
C TYR A 310 0.88 21.56 0.59
N TYR A 311 1.53 21.18 -0.50
CA TYR A 311 2.76 21.83 -0.93
C TYR A 311 2.77 22.09 -2.43
N PRO A 312 1.83 22.89 -2.96
CA PRO A 312 1.67 23.14 -4.38
C PRO A 312 2.89 23.75 -5.06
N GLU A 313 3.68 24.52 -4.30
CA GLU A 313 4.92 25.13 -4.79
C GLU A 313 6.01 24.13 -5.15
N LEU A 314 5.87 22.88 -4.72
CA LEU A 314 6.84 21.85 -5.04
C LEU A 314 6.53 21.09 -6.32
N LEU A 315 5.31 21.26 -6.85
CA LEU A 315 4.83 20.58 -8.04
C LEU A 315 5.66 20.71 -9.31
N ASN A 316 6.36 21.83 -9.39
CA ASN A 316 7.30 22.12 -10.46
C ASN A 316 8.62 21.40 -10.35
N ASN A 317 8.97 21.08 -9.09
CA ASN A 317 10.19 20.35 -8.74
C ASN A 317 10.07 18.85 -8.91
N LEU A 318 8.83 18.35 -8.99
CA LEU A 318 8.57 16.94 -9.22
C LEU A 318 9.12 16.48 -10.57
N SER A 319 9.58 15.22 -10.63
CA SER A 319 10.06 14.65 -11.87
C SER A 319 8.94 14.59 -12.89
N SER A 320 9.26 14.98 -14.13
CA SER A 320 8.27 14.96 -15.20
C SER A 320 8.00 13.55 -15.68
N ALA A 321 8.82 12.56 -15.31
CA ALA A 321 8.59 11.18 -15.70
C ALA A 321 7.32 10.65 -15.05
N LYS A 322 6.59 9.88 -15.84
CA LYS A 322 5.40 9.23 -15.34
C LYS A 322 5.78 8.09 -14.41
N SER A 323 4.86 7.76 -13.49
CA SER A 323 5.04 6.65 -12.59
C SER A 323 5.15 5.38 -13.44
N PRO A 324 5.81 4.30 -13.02
CA PRO A 324 5.87 3.03 -13.76
C PRO A 324 4.55 2.52 -14.34
N GLN A 325 3.46 2.68 -13.57
CA GLN A 325 2.14 2.30 -14.01
C GLN A 325 1.70 3.08 -15.24
N GLN A 326 1.78 4.41 -15.16
CA GLN A 326 1.33 5.24 -16.26
C GLN A 326 2.27 5.30 -17.46
N ILE A 327 3.59 5.15 -17.27
CA ILE A 327 4.57 5.19 -18.35
C ILE A 327 4.50 3.88 -19.15
N PHE A 328 4.21 2.78 -18.43
CA PHE A 328 4.00 1.47 -19.02
C PHE A 328 2.74 1.50 -19.86
N GLY A 329 1.71 2.15 -19.30
CA GLY A 329 0.43 2.29 -19.96
C GLY A 329 0.48 3.10 -21.24
N THR A 330 1.30 4.16 -21.27
CA THR A 330 1.44 4.99 -22.45
C THR A 330 2.11 4.14 -23.53
N ALA A 331 3.18 3.45 -23.13
CA ALA A 331 3.87 2.57 -24.04
C ALA A 331 3.05 1.35 -24.47
N SER A 332 2.03 0.90 -23.73
CA SER A 332 1.23 -0.26 -24.13
C SER A 332 0.19 0.03 -25.19
N LYS A 333 -0.05 1.33 -25.44
CA LYS A 333 -0.99 1.79 -26.44
C LYS A 333 -0.27 2.36 -27.66
N THR A 334 1.06 2.47 -27.55
CA THR A 334 1.87 2.97 -28.64
C THR A 334 2.93 1.97 -29.10
N TYR A 335 3.87 1.58 -28.23
CA TYR A 335 4.91 0.65 -28.60
C TYR A 335 4.36 -0.74 -28.83
N TYR A 336 3.62 -1.29 -27.87
CA TYR A 336 3.11 -2.64 -28.03
C TYR A 336 2.20 -2.80 -29.26
N PRO A 337 1.25 -1.95 -29.67
CA PRO A 337 0.54 -2.07 -30.93
C PRO A 337 1.40 -2.11 -32.19
N SER A 338 2.56 -1.44 -32.19
CA SER A 338 3.46 -1.44 -33.33
C SER A 338 4.32 -2.70 -33.44
N ILE A 339 4.46 -3.51 -32.38
CA ILE A 339 5.21 -4.77 -32.44
C ILE A 339 4.30 -5.99 -32.46
N SER A 340 3.02 -5.77 -32.18
CA SER A 340 1.98 -6.77 -32.32
C SER A 340 1.15 -6.29 -33.51
N GLY A 341 0.18 -6.98 -34.11
CA GLY A 341 -0.47 -6.37 -35.28
C GLY A 341 -1.69 -5.51 -34.96
N LEU A 342 -1.83 -5.08 -33.71
CA LEU A 342 -3.05 -4.48 -33.19
C LEU A 342 -3.33 -3.01 -33.36
N ASP A 343 -4.62 -2.70 -33.38
CA ASP A 343 -5.07 -1.31 -33.34
C ASP A 343 -5.11 -0.97 -31.86
N PRO A 344 -4.45 0.10 -31.40
CA PRO A 344 -4.39 0.51 -30.00
C PRO A 344 -5.69 0.65 -29.20
N LYS A 345 -6.82 0.97 -29.85
CA LYS A 345 -8.09 1.04 -29.15
C LYS A 345 -8.70 -0.32 -28.79
N ASN A 346 -8.15 -1.42 -29.29
CA ASN A 346 -8.60 -2.74 -28.91
C ASN A 346 -7.73 -3.32 -27.79
N VAL A 347 -6.62 -2.65 -27.42
CA VAL A 347 -5.78 -3.04 -26.28
C VAL A 347 -6.39 -2.44 -25.01
N PHE A 348 -6.48 -3.29 -23.98
CA PHE A 348 -7.01 -2.92 -22.68
C PHE A 348 -5.94 -3.28 -21.64
N THR A 349 -5.42 -2.29 -20.90
CA THR A 349 -4.34 -2.48 -19.95
C THR A 349 -4.82 -2.49 -18.51
N VAL A 350 -4.49 -3.61 -17.87
CA VAL A 350 -4.82 -3.91 -16.48
C VAL A 350 -3.54 -4.00 -15.63
N THR A 351 -3.43 -3.26 -14.52
CA THR A 351 -2.29 -3.41 -13.60
C THR A 351 -2.74 -4.01 -12.27
N VAL A 352 -1.85 -4.71 -11.57
CA VAL A 352 -2.15 -5.24 -10.24
C VAL A 352 -1.23 -4.45 -9.33
N MET A 353 -1.83 -3.79 -8.35
CA MET A 353 -1.09 -2.88 -7.50
C MET A 353 -1.27 -3.16 -6.02
N PRO A 354 -0.29 -2.85 -5.15
CA PRO A 354 -0.48 -2.82 -3.70
C PRO A 354 -1.16 -1.55 -3.19
N CYS A 355 -1.86 -0.83 -4.08
CA CYS A 355 -2.31 0.51 -3.78
C CYS A 355 -3.70 0.85 -4.29
N THR A 356 -4.41 1.67 -3.48
CA THR A 356 -5.72 2.16 -3.84
C THR A 356 -5.63 3.50 -4.56
N SER A 357 -4.57 4.26 -4.28
CA SER A 357 -4.33 5.57 -4.88
C SER A 357 -3.98 5.49 -6.37
N LYS A 358 -3.47 4.32 -6.80
CA LYS A 358 -3.18 4.01 -8.19
C LYS A 358 -4.42 4.00 -9.07
N LYS A 359 -5.56 3.63 -8.48
CA LYS A 359 -6.86 3.69 -9.15
C LYS A 359 -7.21 5.13 -9.51
N PHE A 360 -7.04 6.06 -8.57
CA PHE A 360 -7.25 7.49 -8.84
C PHE A 360 -6.31 7.96 -9.97
N GLU A 361 -5.03 7.61 -9.89
CA GLU A 361 -4.04 8.00 -10.87
C GLU A 361 -4.34 7.57 -12.29
N ALA A 362 -4.78 6.32 -12.48
CA ALA A 362 -5.17 5.78 -13.77
C ALA A 362 -6.37 6.45 -14.40
N ASP A 363 -7.26 6.95 -13.52
CA ASP A 363 -8.48 7.63 -13.91
C ASP A 363 -8.38 9.15 -14.00
N ARG A 364 -7.17 9.72 -13.88
CA ARG A 364 -7.00 11.17 -14.03
C ARG A 364 -7.28 11.58 -15.46
N PRO A 365 -8.09 12.61 -15.72
CA PRO A 365 -8.51 13.05 -17.04
C PRO A 365 -7.46 13.11 -18.15
N GLN A 366 -6.37 13.84 -17.90
CA GLN A 366 -5.31 13.99 -18.88
C GLN A 366 -4.32 12.82 -18.98
N MET A 367 -4.59 11.69 -18.32
CA MET A 367 -3.70 10.55 -18.35
C MET A 367 -4.10 9.62 -19.50
N GLU A 368 -4.01 10.21 -20.69
CA GLU A 368 -4.42 9.60 -21.94
C GLU A 368 -3.93 10.38 -23.16
N LYS A 369 -3.95 9.72 -24.32
CA LYS A 369 -3.61 10.33 -25.58
C LYS A 369 -4.67 9.91 -26.60
N ASP A 370 -5.30 10.96 -27.14
CA ASP A 370 -6.43 10.92 -28.06
C ASP A 370 -7.41 9.75 -27.95
N GLY A 371 -8.11 9.82 -26.81
CA GLY A 371 -9.17 8.87 -26.48
C GLY A 371 -8.71 7.59 -25.78
N LEU A 372 -7.42 7.26 -25.83
CA LEU A 372 -6.93 6.02 -25.24
C LEU A 372 -6.33 6.27 -23.88
N ARG A 373 -6.90 5.61 -22.88
CA ARG A 373 -6.41 5.70 -21.51
C ARG A 373 -5.06 5.04 -21.44
N ASP A 374 -4.12 5.54 -20.62
CA ASP A 374 -2.85 4.86 -20.44
C ASP A 374 -3.11 3.50 -19.80
N ILE A 375 -3.81 3.56 -18.66
CA ILE A 375 -4.20 2.39 -17.89
C ILE A 375 -5.71 2.40 -17.81
N ASP A 376 -6.34 1.28 -18.19
CA ASP A 376 -7.78 1.16 -18.19
C ASP A 376 -8.34 0.58 -16.90
N ALA A 377 -7.56 -0.21 -16.16
CA ALA A 377 -8.01 -0.81 -14.91
C ALA A 377 -6.83 -1.09 -14.02
N VAL A 378 -7.09 -1.02 -12.72
CA VAL A 378 -6.11 -1.26 -11.69
C VAL A 378 -6.84 -2.12 -10.66
N ILE A 379 -6.36 -3.33 -10.41
CA ILE A 379 -6.92 -4.14 -9.33
C ILE A 379 -5.86 -4.29 -8.26
N THR A 380 -6.25 -4.22 -6.97
CA THR A 380 -5.31 -4.39 -5.87
C THR A 380 -4.84 -5.84 -5.72
N THR A 381 -3.90 -6.08 -4.79
CA THR A 381 -3.40 -7.42 -4.52
C THR A 381 -4.55 -8.29 -3.99
N ARG A 382 -5.41 -7.72 -3.13
CA ARG A 382 -6.56 -8.45 -2.62
C ARG A 382 -7.59 -8.80 -3.70
N GLU A 383 -7.75 -7.95 -4.74
CA GLU A 383 -8.65 -8.20 -5.85
C GLU A 383 -8.15 -9.29 -6.78
N LEU A 384 -6.83 -9.32 -7.08
CA LEU A 384 -6.24 -10.40 -7.87
C LEU A 384 -6.41 -11.72 -7.13
N ALA A 385 -6.19 -11.73 -5.82
CA ALA A 385 -6.36 -12.94 -5.03
C ALA A 385 -7.80 -13.44 -5.01
N LYS A 386 -8.76 -12.50 -5.04
CA LYS A 386 -10.16 -12.84 -5.10
C LYS A 386 -10.49 -13.48 -6.44
N MET A 387 -9.99 -12.91 -7.56
CA MET A 387 -10.38 -13.48 -8.82
C MET A 387 -9.63 -14.76 -9.17
N ILE A 388 -8.51 -15.03 -8.49
CA ILE A 388 -7.81 -16.32 -8.64
C ILE A 388 -8.63 -17.39 -7.93
N LYS A 389 -9.03 -17.08 -6.68
CA LYS A 389 -9.86 -17.97 -5.88
C LYS A 389 -11.21 -18.33 -6.48
N ASP A 390 -11.86 -17.36 -7.14
CA ASP A 390 -13.15 -17.54 -7.81
C ASP A 390 -13.06 -18.50 -8.97
N ALA A 391 -11.92 -18.44 -9.69
CA ALA A 391 -11.62 -19.36 -10.78
C ALA A 391 -11.12 -20.74 -10.36
N LYS A 392 -10.87 -20.93 -9.04
CA LYS A 392 -10.36 -22.16 -8.43
C LYS A 392 -8.97 -22.53 -8.93
N ILE A 393 -8.12 -21.52 -9.15
CA ILE A 393 -6.77 -21.78 -9.58
C ILE A 393 -6.00 -22.22 -8.33
N PRO A 394 -5.43 -23.45 -8.36
CA PRO A 394 -4.64 -23.99 -7.28
C PRO A 394 -3.28 -23.29 -7.23
N PHE A 395 -3.30 -22.07 -6.66
CA PHE A 395 -2.15 -21.19 -6.63
C PHE A 395 -0.88 -21.76 -6.01
N ALA A 396 -0.99 -22.33 -4.80
CA ALA A 396 0.15 -22.89 -4.09
C ALA A 396 0.81 -24.08 -4.75
N LYS A 397 0.11 -24.71 -5.69
CA LYS A 397 0.60 -25.88 -6.40
C LYS A 397 0.93 -25.62 -7.87
N LEU A 398 0.90 -24.35 -8.30
CA LEU A 398 1.20 -24.01 -9.69
C LEU A 398 2.66 -24.13 -10.03
N GLU A 399 2.85 -24.46 -11.30
CA GLU A 399 4.19 -24.51 -11.86
C GLU A 399 4.56 -23.09 -12.23
N ASP A 400 5.84 -22.76 -12.07
CA ASP A 400 6.32 -21.44 -12.42
C ASP A 400 6.42 -21.27 -13.93
N SER A 401 6.04 -20.07 -14.37
CA SER A 401 6.17 -19.70 -15.76
C SER A 401 6.79 -18.33 -15.82
N GLU A 402 7.26 -17.94 -17.01
CA GLU A 402 7.88 -16.64 -17.19
C GLU A 402 6.95 -15.62 -17.83
N ALA A 403 7.30 -14.33 -17.71
CA ALA A 403 6.52 -13.27 -18.34
C ALA A 403 6.76 -13.22 -19.84
N ASP A 404 5.81 -12.64 -20.58
CA ASP A 404 6.04 -12.36 -21.98
C ASP A 404 7.05 -11.21 -22.06
N PRO A 405 8.15 -11.42 -22.81
CA PRO A 405 9.38 -10.66 -22.73
C PRO A 405 9.36 -9.18 -23.09
N ALA A 406 8.68 -8.84 -24.21
CA ALA A 406 8.67 -7.50 -24.79
C ALA A 406 8.43 -6.33 -23.85
N MET A 407 7.54 -6.52 -22.88
CA MET A 407 7.32 -5.51 -21.87
C MET A 407 7.21 -6.13 -20.48
N GLY A 408 7.80 -7.30 -20.29
CA GLY A 408 7.74 -7.98 -19.00
C GLY A 408 9.10 -8.27 -18.38
N GLU A 409 10.22 -8.01 -19.07
CA GLU A 409 11.56 -8.22 -18.52
C GLU A 409 11.93 -7.10 -17.54
N TYR A 410 12.74 -7.39 -16.51
CA TYR A 410 13.19 -6.35 -15.60
C TYR A 410 14.52 -6.57 -14.93
N SER A 411 15.20 -5.45 -14.63
CA SER A 411 16.46 -5.47 -13.92
C SER A 411 16.24 -5.40 -12.41
N GLY A 412 17.32 -5.56 -11.65
CA GLY A 412 17.29 -5.50 -10.20
C GLY A 412 17.03 -4.10 -9.66
N ALA A 413 17.34 -3.06 -10.45
CA ALA A 413 17.04 -1.69 -10.11
C ALA A 413 15.52 -1.52 -10.03
N GLY A 414 14.79 -2.02 -11.05
CA GLY A 414 13.34 -1.96 -11.06
C GLY A 414 12.69 -2.83 -9.97
N ALA A 415 13.33 -3.96 -9.68
CA ALA A 415 12.87 -4.94 -8.69
C ALA A 415 12.70 -4.47 -7.26
N ILE A 416 13.54 -3.51 -6.84
CA ILE A 416 13.51 -3.00 -5.47
C ILE A 416 12.60 -1.80 -5.25
N PHE A 417 11.88 -1.38 -6.30
CA PHE A 417 10.97 -0.24 -6.24
C PHE A 417 9.91 -0.27 -5.15
N GLY A 418 9.40 -1.47 -4.83
CA GLY A 418 8.36 -1.67 -3.84
C GLY A 418 8.76 -1.43 -2.39
N ALA A 419 10.05 -1.22 -2.12
CA ALA A 419 10.52 -0.91 -0.78
C ALA A 419 10.96 0.54 -0.65
N THR A 420 10.90 1.10 0.56
CA THR A 420 11.36 2.45 0.82
C THR A 420 12.86 2.59 0.54
N GLY A 421 13.19 3.52 -0.35
CA GLY A 421 14.58 3.70 -0.75
C GLY A 421 14.89 2.99 -2.06
N GLY A 422 13.93 2.23 -2.59
CA GLY A 422 14.10 1.45 -3.81
C GLY A 422 14.29 2.31 -5.06
N VAL A 423 13.40 3.29 -5.27
CA VAL A 423 13.48 4.20 -6.39
C VAL A 423 14.76 5.06 -6.29
N MET A 424 15.15 5.48 -5.07
CA MET A 424 16.36 6.27 -4.87
C MET A 424 17.58 5.50 -5.34
N GLU A 425 17.73 4.28 -4.85
CA GLU A 425 18.85 3.42 -5.19
C GLU A 425 18.89 3.10 -6.67
N ALA A 426 17.74 2.74 -7.26
CA ALA A 426 17.65 2.44 -8.69
C ALA A 426 17.97 3.64 -9.58
N ALA A 427 17.52 4.83 -9.20
CA ALA A 427 17.84 6.03 -9.96
C ALA A 427 19.32 6.37 -9.91
N LEU A 428 19.96 6.21 -8.73
CA LEU A 428 21.37 6.49 -8.53
C LEU A 428 22.31 5.54 -9.26
N ARG A 429 21.88 4.30 -9.51
CA ARG A 429 22.68 3.36 -10.26
C ARG A 429 22.85 3.75 -11.73
N SER A 430 21.75 4.28 -12.31
CA SER A 430 21.73 4.79 -13.69
C SER A 430 22.22 6.22 -13.80
N ALA A 431 21.93 7.11 -12.82
CA ALA A 431 22.31 8.51 -12.89
C ALA A 431 23.80 8.70 -12.76
N LYS A 432 24.47 7.82 -12.01
CA LYS A 432 25.90 7.90 -11.82
C LYS A 432 26.61 7.37 -13.07
N ASP A 433 26.01 6.37 -13.72
CA ASP A 433 26.53 5.85 -14.97
C ASP A 433 26.37 6.80 -16.14
N PHE A 434 25.22 7.49 -16.23
CA PHE A 434 24.94 8.43 -17.31
C PHE A 434 25.76 9.71 -17.24
N ALA A 435 25.85 10.28 -16.03
CA ALA A 435 26.58 11.51 -15.80
C ALA A 435 28.09 11.36 -15.98
N GLU A 436 28.67 10.23 -15.55
CA GLU A 436 30.11 10.01 -15.71
C GLU A 436 30.43 9.20 -16.98
N ASN A 437 29.41 8.90 -17.80
CA ASN A 437 29.44 8.00 -18.96
C ASN A 437 30.37 6.79 -18.81
N ALA A 438 30.09 6.11 -17.69
CA ALA A 438 30.81 4.92 -17.26
C ALA A 438 29.87 3.78 -16.89
N GLU A 439 30.43 2.59 -16.69
CA GLU A 439 29.70 1.43 -16.23
C GLU A 439 30.30 1.05 -14.91
N LEU A 440 29.69 1.60 -13.86
CA LEU A 440 30.20 1.43 -12.52
C LEU A 440 29.81 0.12 -11.87
N GLU A 441 30.83 -0.40 -11.18
CA GLU A 441 30.77 -1.66 -10.48
C GLU A 441 30.02 -1.58 -9.16
N ASP A 442 30.30 -0.60 -8.30
CA ASP A 442 29.60 -0.49 -7.03
C ASP A 442 28.26 0.19 -7.24
N ILE A 443 27.22 -0.55 -6.85
CA ILE A 443 25.84 -0.13 -7.04
C ILE A 443 24.96 -0.15 -5.81
N GLU A 444 25.45 -0.60 -4.65
CA GLU A 444 24.59 -0.69 -3.48
C GLU A 444 24.63 0.53 -2.60
N TYR A 445 23.42 1.08 -2.43
CA TYR A 445 23.19 2.24 -1.61
C TYR A 445 22.39 1.81 -0.39
N LYS A 446 23.05 1.02 0.46
CA LYS A 446 22.44 0.50 1.68
C LYS A 446 22.01 1.53 2.71
N GLN A 447 22.62 2.71 2.63
CA GLN A 447 22.33 3.83 3.52
C GLN A 447 20.99 4.53 3.27
N VAL A 448 20.38 4.34 2.08
CA VAL A 448 19.05 4.86 1.79
C VAL A 448 18.00 3.78 2.06
N ARG A 449 18.42 2.56 2.46
CA ARG A 449 17.52 1.43 2.71
C ARG A 449 17.07 1.31 4.14
N GLY A 450 15.92 0.67 4.36
CA GLY A 450 15.45 0.41 5.71
C GLY A 450 14.23 1.20 6.15
N LEU A 451 13.85 0.91 7.40
CA LEU A 451 12.64 1.44 7.99
C LEU A 451 12.71 2.73 8.79
N ASN A 452 13.86 3.44 8.77
CA ASN A 452 13.96 4.75 9.40
C ASN A 452 13.08 5.72 8.62
N GLY A 453 12.36 6.59 9.32
CA GLY A 453 11.42 7.51 8.72
C GLY A 453 12.07 8.49 7.76
N ILE A 454 13.21 9.02 8.14
CA ILE A 454 13.96 9.90 7.29
C ILE A 454 15.41 9.48 7.20
N LYS A 455 15.76 9.13 5.97
CA LYS A 455 17.10 8.66 5.67
C LYS A 455 17.81 9.64 4.72
N GLU A 456 19.08 9.99 4.94
CA GLU A 456 19.80 10.75 3.96
C GLU A 456 21.17 10.16 3.67
N ALA A 457 21.73 10.69 2.58
CA ALA A 457 23.02 10.25 2.10
C ALA A 457 23.65 11.27 1.17
N GLU A 458 24.98 11.24 1.21
CA GLU A 458 25.79 12.01 0.31
C GLU A 458 26.35 11.03 -0.72
N VAL A 459 26.12 11.40 -1.98
CA VAL A 459 26.52 10.65 -3.17
C VAL A 459 27.55 11.46 -3.96
N GLU A 460 28.61 10.81 -4.47
CA GLU A 460 29.63 11.48 -5.25
C GLU A 460 29.38 11.19 -6.72
N ILE A 461 29.08 12.21 -7.52
CA ILE A 461 28.89 12.04 -8.96
C ILE A 461 29.82 13.06 -9.63
N ASN A 462 30.64 12.54 -10.57
CA ASN A 462 31.67 13.30 -11.28
C ASN A 462 32.57 14.15 -10.40
N ASN A 463 33.00 13.49 -9.31
CA ASN A 463 33.87 14.06 -8.28
C ASN A 463 33.35 15.35 -7.66
N ASN A 464 32.02 15.36 -7.57
CA ASN A 464 31.23 16.43 -6.98
C ASN A 464 30.27 15.79 -5.98
N LYS A 465 29.95 16.51 -4.90
CA LYS A 465 29.09 16.00 -3.83
C LYS A 465 27.63 16.42 -4.01
N TYR A 466 26.73 15.45 -3.91
CA TYR A 466 25.29 15.70 -4.01
C TYR A 466 24.57 15.07 -2.83
N ASN A 467 23.51 15.71 -2.34
CA ASN A 467 22.73 15.24 -1.21
C ASN A 467 21.37 14.77 -1.63
N VAL A 468 21.00 13.63 -1.07
CA VAL A 468 19.72 13.00 -1.35
C VAL A 468 19.05 12.61 -0.04
N ALA A 469 17.71 12.63 -0.05
CA ALA A 469 16.91 12.22 1.10
C ALA A 469 15.81 11.25 0.70
N VAL A 470 15.43 10.32 1.60
CA VAL A 470 14.35 9.38 1.38
C VAL A 470 13.35 9.55 2.52
N ILE A 471 12.12 9.84 2.08
CA ILE A 471 11.02 10.10 2.99
C ILE A 471 10.13 8.87 2.98
N ASN A 472 10.09 8.26 4.14
CA ASN A 472 9.35 7.04 4.34
C ASN A 472 8.01 7.30 4.99
N GLY A 473 6.94 7.52 4.20
CA GLY A 473 5.63 7.79 4.77
C GLY A 473 5.30 9.27 4.81
N ALA A 474 4.02 9.59 4.58
CA ALA A 474 3.53 10.97 4.49
C ALA A 474 3.64 11.81 5.76
N SER A 475 3.56 11.16 6.94
CA SER A 475 3.75 11.86 8.20
C SER A 475 5.17 12.37 8.31
N ASN A 476 6.11 11.62 7.72
CA ASN A 476 7.51 12.01 7.67
C ASN A 476 7.81 13.11 6.66
N LEU A 477 6.97 13.30 5.63
CA LEU A 477 7.16 14.42 4.72
C LEU A 477 6.77 15.69 5.46
N PHE A 478 5.66 15.67 6.22
CA PHE A 478 5.27 16.79 7.05
C PHE A 478 6.33 17.14 8.08
N LYS A 479 6.90 16.14 8.76
CA LYS A 479 8.00 16.39 9.67
C LYS A 479 9.21 16.96 8.92
N PHE A 480 9.61 16.46 7.73
CA PHE A 480 10.75 16.97 6.98
C PHE A 480 10.67 18.46 6.62
N MET A 481 9.51 18.82 6.10
CA MET A 481 9.21 20.16 5.67
C MET A 481 9.06 21.15 6.83
N LYS A 482 8.11 20.85 7.73
CA LYS A 482 7.80 21.69 8.88
C LYS A 482 8.96 21.94 9.83
N SER A 483 9.82 20.94 9.98
CA SER A 483 11.04 21.02 10.79
C SER A 483 12.09 21.94 10.23
N GLY A 484 11.99 22.26 8.94
CA GLY A 484 13.03 23.02 8.27
C GLY A 484 14.21 22.14 7.92
N MET A 485 14.09 20.81 8.06
CA MET A 485 15.15 19.87 7.71
C MET A 485 15.55 20.00 6.23
N ILE A 486 14.55 20.31 5.39
CA ILE A 486 14.73 20.59 3.97
C ILE A 486 15.75 21.71 3.70
N ASN A 487 15.90 22.62 4.66
CA ASN A 487 16.79 23.77 4.59
C ASN A 487 18.14 23.66 5.29
N GLU A 488 18.52 22.51 5.86
CA GLU A 488 19.83 22.33 6.48
C GLU A 488 20.97 22.07 5.50
N LYS A 489 20.59 21.90 4.23
CA LYS A 489 21.50 21.74 3.10
C LYS A 489 20.71 21.75 1.79
N GLN A 490 21.40 21.90 0.64
CA GLN A 490 20.71 21.85 -0.64
C GLN A 490 20.53 20.41 -1.06
N TYR A 491 19.27 19.95 -1.11
CA TYR A 491 18.98 18.63 -1.62
C TYR A 491 18.82 18.65 -3.12
N HIS A 492 19.37 17.62 -3.73
CA HIS A 492 19.32 17.51 -5.16
C HIS A 492 18.25 16.53 -5.62
N PHE A 493 18.09 15.41 -4.93
CA PHE A 493 17.10 14.40 -5.30
C PHE A 493 16.42 13.84 -4.04
N ILE A 494 15.09 13.90 -3.94
CA ILE A 494 14.34 13.42 -2.79
C ILE A 494 13.26 12.44 -3.23
N GLU A 495 13.34 11.21 -2.69
CA GLU A 495 12.34 10.17 -2.88
C GLU A 495 11.27 10.31 -1.80
N VAL A 496 9.98 10.24 -2.17
CA VAL A 496 8.90 10.32 -1.19
C VAL A 496 7.91 9.21 -1.50
N MET A 497 7.58 8.44 -0.46
CA MET A 497 6.53 7.43 -0.55
C MET A 497 5.49 7.82 0.51
N ALA A 498 4.20 7.64 0.24
CA ALA A 498 3.16 7.95 1.22
C ALA A 498 2.93 6.92 2.31
N CYS A 499 3.15 5.64 1.99
CA CYS A 499 2.99 4.57 2.95
C CYS A 499 4.32 4.24 3.60
N HIS A 500 4.26 4.02 4.91
CA HIS A 500 5.41 3.63 5.72
C HIS A 500 5.85 2.22 5.37
N GLY A 501 7.14 2.10 5.06
CA GLY A 501 7.72 0.84 4.58
C GLY A 501 7.83 0.79 3.06
N GLY A 502 7.06 1.67 2.40
CA GLY A 502 6.99 1.72 0.96
C GLY A 502 5.74 1.03 0.45
N CYS A 503 5.74 0.71 -0.84
CA CYS A 503 4.60 0.07 -1.47
C CYS A 503 4.26 -1.29 -0.90
N VAL A 504 5.25 -1.99 -0.33
CA VAL A 504 5.01 -3.28 0.30
C VAL A 504 4.00 -3.19 1.43
N ASN A 505 3.79 -2.01 2.03
CA ASN A 505 2.77 -1.81 3.04
C ASN A 505 1.68 -0.83 2.55
N GLY A 506 1.37 -0.88 1.24
CA GLY A 506 0.36 -0.03 0.63
C GLY A 506 -1.05 -0.37 1.11
N GLY A 507 -2.01 0.45 0.70
CA GLY A 507 -3.40 0.31 1.13
C GLY A 507 -4.22 -0.79 0.46
N GLY A 508 -3.69 -1.35 -0.63
CA GLY A 508 -4.33 -2.45 -1.35
C GLY A 508 -3.72 -3.82 -1.07
N GLN A 509 -2.85 -3.92 -0.06
CA GLN A 509 -2.15 -5.14 0.35
C GLN A 509 -2.96 -6.12 1.22
N PRO A 510 -2.60 -7.43 1.30
CA PRO A 510 -3.23 -8.41 2.20
C PRO A 510 -3.23 -7.95 3.64
N HIS A 511 -4.40 -8.09 4.24
CA HIS A 511 -4.57 -7.84 5.66
C HIS A 511 -3.75 -8.87 6.47
N VAL A 512 -3.36 -8.54 7.71
CA VAL A 512 -2.54 -9.45 8.48
C VAL A 512 -3.13 -10.00 9.79
N ASN A 513 -3.94 -9.22 10.52
CA ASN A 513 -4.48 -9.56 11.85
C ASN A 513 -3.41 -9.41 12.94
N PRO A 514 -3.68 -8.61 13.99
CA PRO A 514 -2.75 -8.27 15.07
C PRO A 514 -2.01 -9.40 15.78
N LYS A 515 -2.63 -10.57 15.92
CA LYS A 515 -1.98 -11.71 16.56
C LYS A 515 -1.34 -12.56 15.46
N ASP A 516 -0.35 -11.91 14.86
CA ASP A 516 0.43 -12.38 13.72
C ASP A 516 1.34 -11.22 13.33
N LEU A 517 0.74 -10.03 13.37
CA LEU A 517 1.41 -8.76 13.15
C LEU A 517 2.39 -8.44 14.27
N GLU A 518 2.11 -9.03 15.44
CA GLU A 518 2.95 -8.94 16.63
C GLU A 518 4.25 -9.70 16.41
N LYS A 519 4.14 -10.84 15.73
CA LYS A 519 5.26 -11.72 15.45
C LYS A 519 6.08 -11.34 14.23
N VAL A 520 5.44 -10.81 13.17
CA VAL A 520 6.12 -10.53 11.91
C VAL A 520 6.29 -9.05 11.63
N ASP A 521 7.52 -8.68 11.22
CA ASP A 521 7.83 -7.32 10.76
C ASP A 521 7.49 -7.40 9.27
N ILE A 522 6.27 -6.98 8.94
CA ILE A 522 5.76 -7.16 7.60
C ILE A 522 6.36 -6.26 6.56
N LYS A 523 6.81 -5.07 6.95
CA LYS A 523 7.47 -4.17 6.02
C LYS A 523 8.83 -4.75 5.63
N LYS A 524 9.57 -5.33 6.61
CA LYS A 524 10.88 -5.93 6.32
C LYS A 524 10.83 -7.23 5.53
N VAL A 525 9.91 -8.14 5.87
CA VAL A 525 9.82 -9.45 5.23
C VAL A 525 9.27 -9.42 3.80
N ARG A 526 8.35 -8.50 3.51
CA ARG A 526 7.86 -8.34 2.16
C ARG A 526 8.95 -7.69 1.33
N ALA A 527 9.66 -6.69 1.88
CA ALA A 527 10.76 -6.05 1.17
C ALA A 527 11.94 -6.96 0.89
N SER A 528 12.24 -7.93 1.77
CA SER A 528 13.38 -8.81 1.57
C SER A 528 13.26 -9.68 0.31
N VAL A 529 12.04 -10.02 -0.14
CA VAL A 529 11.82 -10.75 -1.39
C VAL A 529 12.38 -10.00 -2.57
N LEU A 530 12.11 -8.70 -2.60
CA LEU A 530 12.53 -7.79 -3.67
C LEU A 530 14.02 -7.55 -3.70
N TYR A 531 14.64 -7.32 -2.52
CA TYR A 531 16.09 -7.15 -2.44
C TYR A 531 16.85 -8.42 -2.82
N ASN A 532 16.29 -9.59 -2.48
CA ASN A 532 16.88 -10.85 -2.87
C ASN A 532 16.76 -11.08 -4.36
N GLN A 533 15.70 -10.58 -5.02
CA GLN A 533 15.59 -10.70 -6.47
C GLN A 533 16.68 -9.89 -7.16
N ASP A 534 16.91 -8.64 -6.70
CA ASP A 534 17.95 -7.77 -7.22
C ASP A 534 19.35 -8.37 -7.14
N GLU A 535 19.67 -8.89 -5.96
CA GLU A 535 20.95 -9.52 -5.66
C GLU A 535 21.23 -10.78 -6.47
N HIS A 536 20.18 -11.49 -6.90
CA HIS A 536 20.34 -12.67 -7.72
C HIS A 536 20.12 -12.44 -9.21
N LEU A 537 19.76 -11.22 -9.60
CA LEU A 537 19.62 -10.89 -11.01
C LEU A 537 20.96 -10.45 -11.56
N SER A 538 21.17 -10.89 -12.81
CA SER A 538 22.39 -10.57 -13.54
C SER A 538 22.41 -9.14 -14.04
N LYS A 539 21.23 -8.62 -14.43
CA LYS A 539 21.07 -7.22 -14.78
C LYS A 539 20.53 -6.51 -13.54
N ARG A 540 21.28 -5.53 -13.05
CA ARG A 540 20.86 -4.79 -11.86
C ARG A 540 20.75 -3.28 -12.09
N LYS A 541 20.74 -2.87 -13.36
CA LYS A 541 20.59 -1.47 -13.74
C LYS A 541 19.53 -1.38 -14.83
N SER A 542 18.62 -0.41 -14.67
CA SER A 542 17.51 -0.15 -15.58
C SER A 542 17.87 -0.04 -17.04
N HIS A 543 18.95 0.69 -17.32
CA HIS A 543 19.41 0.88 -18.67
C HIS A 543 20.02 -0.36 -19.31
N GLU A 544 20.19 -1.44 -18.55
CA GLU A 544 20.74 -2.67 -19.06
C GLU A 544 19.70 -3.70 -19.48
N ASN A 545 18.41 -3.45 -19.20
CA ASN A 545 17.30 -4.33 -19.55
C ASN A 545 17.24 -4.43 -21.07
N THR A 546 17.37 -5.66 -21.59
CA THR A 546 17.39 -5.91 -23.03
C THR A 546 16.12 -5.52 -23.77
N ALA A 547 14.93 -5.86 -23.28
CA ALA A 547 13.68 -5.48 -23.93
C ALA A 547 13.39 -3.97 -23.92
N LEU A 548 13.90 -3.31 -22.87
CA LEU A 548 13.80 -1.87 -22.69
C LEU A 548 14.61 -1.14 -23.74
N VAL A 549 15.88 -1.58 -23.92
CA VAL A 549 16.81 -1.02 -24.89
C VAL A 549 16.29 -1.17 -26.32
N LYS A 550 15.70 -2.33 -26.65
CA LYS A 550 15.07 -2.56 -27.95
C LYS A 550 13.95 -1.57 -28.19
N MET A 551 13.07 -1.35 -27.20
CA MET A 551 11.97 -0.41 -27.29
C MET A 551 12.38 1.03 -27.51
N TYR A 552 13.36 1.50 -26.73
CA TYR A 552 13.83 2.86 -26.86
C TYR A 552 14.55 3.10 -28.18
N GLN A 553 15.49 2.22 -28.57
CA GLN A 553 16.23 2.36 -29.82
C GLN A 553 15.37 2.27 -31.06
N ASN A 554 14.36 1.39 -31.03
CA ASN A 554 13.47 1.15 -32.15
C ASN A 554 12.18 1.97 -32.20
N TYR A 555 11.81 2.66 -31.11
CA TYR A 555 10.55 3.39 -31.09
C TYR A 555 10.53 4.77 -30.43
N PHE A 556 11.24 4.98 -29.31
CA PHE A 556 11.17 6.26 -28.62
C PHE A 556 12.35 7.19 -28.81
N GLY A 557 13.48 6.69 -29.30
CA GLY A 557 14.68 7.50 -29.35
C GLY A 557 15.33 7.58 -27.97
N LYS A 558 16.19 8.58 -27.74
CA LYS A 558 16.87 8.70 -26.46
C LYS A 558 15.96 9.25 -25.37
N PRO A 559 16.07 8.77 -24.12
CA PRO A 559 15.40 9.32 -22.94
C PRO A 559 15.55 10.82 -22.73
N GLY A 560 14.44 11.36 -22.21
CA GLY A 560 14.35 12.76 -21.85
C GLY A 560 14.24 13.71 -23.03
N GLU A 561 14.19 13.20 -24.27
CA GLU A 561 14.15 14.06 -25.44
C GLU A 561 13.41 13.51 -26.64
N GLY A 562 12.82 14.47 -27.36
CA GLY A 562 12.04 14.21 -28.56
C GLY A 562 10.71 13.58 -28.21
N ARG A 563 10.59 12.34 -28.70
CA ARG A 563 9.40 11.52 -28.53
C ARG A 563 9.18 11.01 -27.11
N ALA A 564 10.31 10.71 -26.44
CA ALA A 564 10.30 10.26 -25.06
C ALA A 564 9.77 11.35 -24.13
N HIS A 565 10.16 12.60 -24.45
CA HIS A 565 9.72 13.76 -23.72
C HIS A 565 8.25 14.07 -24.00
N GLU A 566 7.76 13.82 -25.24
CA GLU A 566 6.38 14.06 -25.64
C GLU A 566 5.34 13.32 -24.80
N ILE A 567 5.40 11.99 -24.86
CA ILE A 567 4.36 11.17 -24.26
C ILE A 567 4.67 10.41 -22.97
N LEU A 568 5.93 10.24 -22.55
CA LEU A 568 6.20 9.52 -21.32
C LEU A 568 6.34 10.41 -20.10
N HIS A 569 5.89 11.66 -20.24
CA HIS A 569 5.94 12.65 -19.19
C HIS A 569 4.57 13.19 -18.82
N PHE A 570 4.48 13.75 -17.61
CA PHE A 570 3.27 14.38 -17.11
C PHE A 570 3.68 15.41 -16.07
N LYS A 571 3.26 16.66 -16.25
CA LYS A 571 3.54 17.67 -15.24
C LYS A 571 2.26 18.12 -14.54
N TYR A 572 2.29 18.38 -13.24
CA TYR A 572 1.11 18.83 -12.52
C TYR A 572 1.16 20.34 -12.30
N LYS A 573 0.16 21.01 -12.87
CA LYS A 573 0.00 22.46 -12.79
C LYS A 573 -0.76 22.86 -11.52
N LYS A 574 -1.79 22.04 -11.28
CA LYS A 574 -2.71 22.16 -10.17
C LYS A 574 -2.54 20.96 -9.23
#